data_6F2F
#
_entry.id   6F2F
#
_cell.length_a   124.588
_cell.length_b   124.588
_cell.length_c   128.866
_cell.angle_alpha   90.00
_cell.angle_beta   90.00
_cell.angle_gamma   90.00
#
_symmetry.space_group_name_H-M   'P 41 21 2'
#
loop_
_entity.id
_entity.type
_entity.pdbx_description
1 polymer 'Deglycase PH1704'
2 non-polymer Tb-Xo4
3 non-polymer 'SULFATE ION'
4 non-polymer 'TERBIUM(III) ION'
5 non-polymer Dihydroxyacetone
6 water water
#
_entity_poly.entity_id   1
_entity_poly.type   'polypeptide(L)'
_entity_poly.pdbx_seq_one_letter_code
;MKVLFLTANEFEDVELIYPYHRLKEEGHEVYIASFERGTITGKHGYSVKVDLTFDKVNPEEFDALVLPGGRAPERVRLNE
KAVSIARKMFSEGKPVASICHGPQILISAGVLRGRKGTSYPGIKDDMINAGVEWVDAEVVVDGNWVSSRVPADLYAWMRE
FVKLLK
;
_entity_poly.pdbx_strand_id   A,B,C
#
loop_
_chem_comp.id
_chem_comp.type
_chem_comp.name
_chem_comp.formula
2HA saccharide Dihydroxyacetone 'C3 H6 O3'
7MT non-polymer Tb-Xo4 'C20 H23 N5 O4 Tb 5'
SO4 non-polymer 'SULFATE ION' 'O4 S -2'
TB non-polymer 'TERBIUM(III) ION' 'Tb 3'
#
# COMPACT_ATOMS: atom_id res chain seq x y z
N MET A 1 -26.30 -5.81 -8.53
CA MET A 1 -26.09 -7.21 -8.13
C MET A 1 -25.39 -7.31 -6.75
N LYS A 2 -25.73 -8.33 -5.96
CA LYS A 2 -25.09 -8.59 -4.67
C LYS A 2 -24.24 -9.83 -4.89
N VAL A 3 -22.92 -9.69 -4.72
CA VAL A 3 -21.98 -10.76 -4.99
C VAL A 3 -21.41 -11.27 -3.68
N LEU A 4 -21.55 -12.58 -3.45
CA LEU A 4 -21.04 -13.21 -2.25
C LEU A 4 -19.71 -13.85 -2.51
N PHE A 5 -18.80 -13.75 -1.55
CA PHE A 5 -17.51 -14.44 -1.57
C PHE A 5 -17.52 -15.45 -0.42
N LEU A 6 -17.12 -16.70 -0.70
CA LEU A 6 -16.97 -17.68 0.36
C LEU A 6 -15.47 -17.90 0.49
N THR A 7 -14.93 -17.60 1.68
CA THR A 7 -13.47 -17.66 1.87
C THR A 7 -13.15 -17.81 3.36
N ALA A 8 -11.89 -17.76 3.69
CA ALA A 8 -11.40 -18.02 5.06
C ALA A 8 -9.95 -17.57 5.14
N ASN A 9 -9.36 -17.70 6.32
CA ASN A 9 -7.94 -17.42 6.45
C ASN A 9 -7.12 -18.23 5.44
N GLU A 10 -5.98 -17.62 5.02
CA GLU A 10 -5.06 -18.22 4.05
C GLU A 10 -5.62 -18.23 2.65
N PHE A 11 -6.55 -17.31 2.37
CA PHE A 11 -6.98 -17.09 1.01
C PHE A 11 -5.79 -16.49 0.22
N GLU A 12 -5.77 -16.73 -1.11
N GLU A 12 -5.77 -16.73 -1.10
CA GLU A 12 -4.73 -16.15 -1.97
CA GLU A 12 -4.74 -16.17 -1.97
C GLU A 12 -5.15 -14.68 -2.11
C GLU A 12 -5.17 -14.69 -2.08
N ASP A 13 -4.31 -13.79 -1.59
CA ASP A 13 -4.69 -12.37 -1.41
C ASP A 13 -5.26 -11.68 -2.64
N VAL A 14 -4.51 -11.73 -3.73
CA VAL A 14 -4.98 -11.04 -4.94
C VAL A 14 -6.19 -11.69 -5.57
N GLU A 15 -6.41 -13.00 -5.32
CA GLU A 15 -7.58 -13.67 -5.86
C GLU A 15 -8.90 -13.26 -5.19
N LEU A 16 -8.82 -12.71 -3.98
CA LEU A 16 -9.96 -12.10 -3.31
C LEU A 16 -10.01 -10.61 -3.61
N ILE A 17 -8.88 -9.91 -3.44
CA ILE A 17 -8.88 -8.45 -3.57
C ILE A 17 -9.19 -7.99 -5.00
N TYR A 18 -8.64 -8.65 -6.01
CA TYR A 18 -8.88 -8.29 -7.39
C TYR A 18 -10.35 -8.34 -7.78
N PRO A 19 -11.07 -9.48 -7.64
CA PRO A 19 -12.49 -9.48 -8.01
C PRO A 19 -13.32 -8.57 -7.11
N TYR A 20 -12.93 -8.40 -5.85
CA TYR A 20 -13.66 -7.52 -4.94
C TYR A 20 -13.71 -6.12 -5.53
N HIS A 21 -12.56 -5.57 -5.88
CA HIS A 21 -12.53 -4.23 -6.44
C HIS A 21 -13.07 -4.17 -7.86
N ARG A 22 -12.78 -5.18 -8.68
CA ARG A 22 -13.28 -5.17 -10.05
C ARG A 22 -14.78 -5.13 -10.12
N LEU A 23 -15.45 -5.91 -9.25
CA LEU A 23 -16.90 -5.91 -9.22
C LEU A 23 -17.45 -4.65 -8.58
N LYS A 24 -16.80 -4.07 -7.57
CA LYS A 24 -17.23 -2.78 -7.03
C LYS A 24 -17.16 -1.67 -8.11
N GLU A 25 -16.16 -1.75 -9.04
CA GLU A 25 -16.07 -0.77 -10.13
C GLU A 25 -17.38 -0.70 -10.92
N GLU A 26 -18.01 -1.86 -11.12
CA GLU A 26 -19.29 -1.96 -11.86
C GLU A 26 -20.49 -1.43 -11.08
N GLY A 27 -20.33 -1.20 -9.79
CA GLY A 27 -21.40 -0.74 -8.92
C GLY A 27 -22.05 -1.89 -8.18
N HIS A 28 -21.52 -3.12 -8.32
CA HIS A 28 -22.09 -4.27 -7.61
C HIS A 28 -21.72 -4.16 -6.12
N GLU A 29 -22.57 -4.72 -5.26
CA GLU A 29 -22.28 -4.81 -3.84
C GLU A 29 -21.56 -6.11 -3.63
N VAL A 30 -20.52 -6.08 -2.78
CA VAL A 30 -19.68 -7.25 -2.55
C VAL A 30 -19.67 -7.58 -1.07
N TYR A 31 -19.81 -8.87 -0.74
CA TYR A 31 -19.94 -9.35 0.63
C TYR A 31 -18.99 -10.50 0.88
N ILE A 32 -18.22 -10.44 1.98
CA ILE A 32 -17.28 -11.49 2.34
C ILE A 32 -17.93 -12.33 3.41
N ALA A 33 -18.11 -13.63 3.16
CA ALA A 33 -18.62 -14.56 4.15
C ALA A 33 -17.50 -15.52 4.59
N SER A 34 -17.41 -15.76 5.89
CA SER A 34 -16.44 -16.70 6.42
C SER A 34 -16.97 -17.35 7.71
N PHE A 35 -16.09 -18.04 8.43
CA PHE A 35 -16.52 -18.78 9.63
C PHE A 35 -17.05 -17.88 10.73
N GLU A 36 -16.42 -16.74 10.92
CA GLU A 36 -16.75 -15.79 11.98
C GLU A 36 -16.62 -14.39 11.52
N ARG A 37 -17.31 -13.49 12.24
CA ARG A 37 -17.15 -12.07 11.96
C ARG A 37 -15.79 -11.62 12.53
N GLY A 38 -15.36 -10.46 12.11
CA GLY A 38 -14.06 -9.92 12.43
C GLY A 38 -13.27 -9.81 11.14
N THR A 39 -12.03 -10.28 11.13
CA THR A 39 -11.17 -10.20 9.96
C THR A 39 -10.63 -11.59 9.64
N ILE A 40 -10.22 -11.74 8.39
CA ILE A 40 -9.49 -12.88 7.87
C ILE A 40 -8.22 -12.33 7.24
N THR A 41 -7.17 -13.15 7.18
CA THR A 41 -5.86 -12.75 6.70
C THR A 41 -5.41 -13.68 5.61
N GLY A 42 -4.91 -13.12 4.52
CA GLY A 42 -4.45 -13.90 3.38
C GLY A 42 -3.11 -14.54 3.61
N LYS A 43 -2.72 -15.41 2.68
CA LYS A 43 -1.41 -16.07 2.68
C LYS A 43 -0.29 -15.05 2.76
N HIS A 44 -0.48 -13.91 2.09
CA HIS A 44 0.53 -12.84 2.03
C HIS A 44 0.32 -11.71 3.05
N GLY A 45 -0.60 -11.87 3.98
CA GLY A 45 -0.77 -10.95 5.08
C GLY A 45 -1.76 -9.82 4.91
N TYR A 46 -2.46 -9.72 3.78
CA TYR A 46 -3.50 -8.70 3.67
C TYR A 46 -4.69 -9.12 4.54
N SER A 47 -5.28 -8.17 5.27
CA SER A 47 -6.44 -8.45 6.12
C SER A 47 -7.68 -7.86 5.51
N VAL A 48 -8.79 -8.59 5.59
CA VAL A 48 -10.07 -8.10 5.09
C VAL A 48 -11.12 -8.37 6.13
N LYS A 49 -12.13 -7.51 6.15
CA LYS A 49 -13.24 -7.62 7.08
C LYS A 49 -14.24 -8.64 6.57
N VAL A 50 -14.73 -9.49 7.46
CA VAL A 50 -15.79 -10.45 7.18
C VAL A 50 -17.12 -9.72 7.37
N ASP A 51 -18.00 -9.75 6.37
CA ASP A 51 -19.31 -9.10 6.45
C ASP A 51 -20.34 -9.95 7.16
N LEU A 52 -20.32 -11.26 6.93
CA LEU A 52 -21.26 -12.17 7.57
C LEU A 52 -20.73 -13.56 7.68
N THR A 53 -21.28 -14.34 8.59
CA THR A 53 -20.81 -15.72 8.74
C THR A 53 -21.55 -16.65 7.78
N PHE A 54 -21.00 -17.83 7.52
CA PHE A 54 -21.69 -18.80 6.65
C PHE A 54 -23.10 -19.09 7.18
N ASP A 55 -23.25 -19.22 8.52
N ASP A 55 -23.25 -19.22 8.52
CA ASP A 55 -24.54 -19.52 9.14
CA ASP A 55 -24.53 -19.54 9.16
C ASP A 55 -25.59 -18.48 8.82
C ASP A 55 -25.59 -18.47 8.91
N LYS A 56 -25.18 -17.20 8.71
CA LYS A 56 -26.10 -16.08 8.44
C LYS A 56 -26.40 -15.88 6.98
N VAL A 57 -25.72 -16.57 6.07
CA VAL A 57 -26.00 -16.41 4.64
C VAL A 57 -27.32 -17.09 4.24
N ASN A 58 -28.21 -16.34 3.58
CA ASN A 58 -29.38 -16.87 2.93
C ASN A 58 -29.03 -16.76 1.44
N PRO A 59 -28.74 -17.88 0.74
CA PRO A 59 -28.34 -17.79 -0.68
C PRO A 59 -29.31 -17.06 -1.60
N GLU A 60 -30.59 -17.03 -1.27
CA GLU A 60 -31.56 -16.31 -2.08
C GLU A 60 -31.35 -14.80 -2.09
N GLU A 61 -30.62 -14.24 -1.10
CA GLU A 61 -30.32 -12.82 -1.04
C GLU A 61 -29.16 -12.41 -1.92
N PHE A 62 -28.42 -13.37 -2.55
CA PHE A 62 -27.23 -13.02 -3.36
C PHE A 62 -27.44 -13.45 -4.81
N ASP A 63 -26.88 -12.69 -5.74
CA ASP A 63 -27.07 -12.90 -7.16
C ASP A 63 -25.95 -13.66 -7.81
N ALA A 64 -24.78 -13.69 -7.20
CA ALA A 64 -23.58 -14.27 -7.83
C ALA A 64 -22.61 -14.66 -6.74
N LEU A 65 -21.69 -15.55 -7.05
CA LEU A 65 -20.75 -16.09 -6.10
C LEU A 65 -19.34 -16.08 -6.62
N VAL A 66 -18.38 -15.76 -5.77
CA VAL A 66 -16.96 -15.79 -6.13
C VAL A 66 -16.25 -16.68 -5.13
N LEU A 67 -15.38 -17.55 -5.67
CA LEU A 67 -14.60 -18.50 -4.92
C LEU A 67 -13.12 -18.26 -5.20
N PRO A 68 -12.48 -17.44 -4.37
CA PRO A 68 -11.02 -17.25 -4.49
C PRO A 68 -10.29 -18.53 -4.09
N GLY A 69 -9.01 -18.57 -4.38
CA GLY A 69 -8.19 -19.70 -4.02
C GLY A 69 -7.37 -19.54 -2.76
N GLY A 70 -6.17 -20.11 -2.79
CA GLY A 70 -5.26 -20.22 -1.65
C GLY A 70 -5.51 -21.52 -0.91
N ARG A 71 -5.19 -21.56 0.42
CA ARG A 71 -5.48 -22.73 1.23
C ARG A 71 -6.87 -22.66 1.84
N ALA A 72 -7.53 -21.50 1.77
CA ALA A 72 -8.85 -21.30 2.35
C ALA A 72 -9.90 -22.30 1.85
N PRO A 73 -9.94 -22.65 0.53
CA PRO A 73 -10.99 -23.59 0.11
C PRO A 73 -10.98 -24.94 0.78
N GLU A 74 -9.80 -25.45 1.18
CA GLU A 74 -9.78 -26.74 1.89
C GLU A 74 -10.39 -26.61 3.29
N ARG A 75 -10.46 -25.42 3.86
CA ARG A 75 -11.15 -25.18 5.12
C ARG A 75 -12.67 -25.00 4.84
N VAL A 76 -12.99 -24.14 3.87
CA VAL A 76 -14.37 -23.83 3.52
C VAL A 76 -15.13 -25.10 3.14
N ARG A 77 -14.49 -26.00 2.35
CA ARG A 77 -15.17 -27.19 1.85
C ARG A 77 -15.52 -28.21 2.91
N LEU A 78 -15.01 -28.04 4.16
CA LEU A 78 -15.41 -28.91 5.26
C LEU A 78 -16.55 -28.30 6.08
N ASN A 79 -17.00 -27.08 5.74
CA ASN A 79 -18.13 -26.45 6.41
C ASN A 79 -19.36 -26.76 5.60
N GLU A 80 -20.24 -27.60 6.15
CA GLU A 80 -21.36 -28.01 5.33
CA GLU A 80 -21.40 -28.05 5.43
C GLU A 80 -22.28 -26.88 4.98
N LYS A 81 -22.42 -25.87 5.82
CA LYS A 81 -23.26 -24.74 5.42
C LYS A 81 -22.64 -24.00 4.21
N ALA A 82 -21.32 -23.72 4.23
CA ALA A 82 -20.67 -23.03 3.11
C ALA A 82 -20.83 -23.85 1.81
N VAL A 83 -20.63 -25.18 1.91
CA VAL A 83 -20.79 -26.05 0.74
C VAL A 83 -22.23 -26.00 0.22
N SER A 84 -23.21 -25.98 1.13
CA SER A 84 -24.61 -25.93 0.72
C SER A 84 -24.96 -24.62 0.05
N ILE A 85 -24.31 -23.50 0.45
CA ILE A 85 -24.52 -22.18 -0.22
C ILE A 85 -24.04 -22.31 -1.66
N ALA A 86 -22.82 -22.82 -1.85
CA ALA A 86 -22.25 -22.98 -3.19
C ALA A 86 -23.09 -23.91 -4.03
N ARG A 87 -23.55 -25.02 -3.44
CA ARG A 87 -24.39 -25.98 -4.19
C ARG A 87 -25.64 -25.29 -4.65
N LYS A 88 -26.30 -24.56 -3.77
CA LYS A 88 -27.56 -23.93 -4.09
C LYS A 88 -27.39 -22.87 -5.18
N MET A 89 -26.44 -21.97 -5.00
CA MET A 89 -26.24 -20.89 -5.96
C MET A 89 -25.81 -21.42 -7.34
N PHE A 90 -24.88 -22.35 -7.36
CA PHE A 90 -24.41 -22.91 -8.61
C PHE A 90 -25.49 -23.67 -9.32
N SER A 91 -26.20 -24.54 -8.60
CA SER A 91 -27.24 -25.36 -9.23
C SER A 91 -28.46 -24.59 -9.70
N GLU A 92 -28.72 -23.42 -9.10
CA GLU A 92 -29.75 -22.52 -9.57
C GLU A 92 -29.35 -21.69 -10.81
N GLY A 93 -28.12 -21.83 -11.28
CA GLY A 93 -27.64 -21.14 -12.47
C GLY A 93 -27.16 -19.74 -12.23
N LYS A 94 -26.91 -19.34 -10.96
CA LYS A 94 -26.40 -18.02 -10.70
C LYS A 94 -24.94 -17.96 -11.15
N PRO A 95 -24.44 -16.80 -11.59
CA PRO A 95 -23.03 -16.74 -11.95
C PRO A 95 -22.11 -17.13 -10.81
N VAL A 96 -21.13 -18.02 -11.09
CA VAL A 96 -20.15 -18.45 -10.11
C VAL A 96 -18.78 -18.35 -10.74
N ALA A 97 -17.88 -17.59 -10.11
CA ALA A 97 -16.50 -17.45 -10.57
C ALA A 97 -15.60 -18.20 -9.62
N SER A 98 -14.74 -19.06 -10.14
CA SER A 98 -13.74 -19.74 -9.33
C SER A 98 -12.35 -19.55 -9.88
N ILE A 99 -11.36 -19.57 -9.02
CA ILE A 99 -9.98 -19.52 -9.45
C ILE A 99 -9.11 -20.39 -8.57
N CYS A 100 -8.10 -21.01 -9.17
CA CYS A 100 -7.06 -21.71 -8.45
C CYS A 100 -7.63 -22.85 -7.60
N HIS A 101 -7.55 -22.84 -6.25
CA HIS A 101 -8.17 -23.92 -5.44
C HIS A 101 -9.65 -23.67 -5.18
N GLY A 102 -10.15 -22.49 -5.55
CA GLY A 102 -11.56 -22.16 -5.35
C GLY A 102 -12.56 -23.26 -5.68
N PRO A 103 -12.43 -23.97 -6.85
CA PRO A 103 -13.44 -24.98 -7.19
C PRO A 103 -13.42 -26.25 -6.36
N GLN A 104 -12.49 -26.36 -5.37
CA GLN A 104 -12.59 -27.48 -4.43
C GLN A 104 -13.94 -27.41 -3.71
N ILE A 105 -14.45 -26.19 -3.48
CA ILE A 105 -15.74 -26.02 -2.82
C ILE A 105 -16.87 -26.56 -3.71
N LEU A 106 -16.76 -26.37 -5.01
CA LEU A 106 -17.74 -26.87 -5.98
C LEU A 106 -17.63 -28.39 -6.12
N ILE A 107 -16.42 -28.94 -6.05
CA ILE A 107 -16.28 -30.40 -6.00
C ILE A 107 -17.12 -30.93 -4.84
N SER A 108 -16.92 -30.37 -3.63
CA SER A 108 -17.60 -30.84 -2.45
C SER A 108 -19.12 -30.64 -2.50
N ALA A 109 -19.53 -29.63 -3.23
CA ALA A 109 -20.96 -29.35 -3.45
C ALA A 109 -21.64 -30.36 -4.36
N GLY A 110 -20.86 -31.15 -5.11
CA GLY A 110 -21.35 -32.20 -5.97
C GLY A 110 -22.02 -31.73 -7.24
N VAL A 111 -21.64 -30.54 -7.73
CA VAL A 111 -22.30 -29.90 -8.86
C VAL A 111 -21.50 -29.86 -10.14
N LEU A 112 -20.30 -30.46 -10.18
CA LEU A 112 -19.45 -30.31 -11.37
C LEU A 112 -19.50 -31.45 -12.36
N ARG A 113 -20.31 -32.51 -12.14
CA ARG A 113 -20.29 -33.63 -13.07
C ARG A 113 -20.81 -33.22 -14.42
N GLY A 114 -20.01 -33.43 -15.46
CA GLY A 114 -20.42 -33.09 -16.81
C GLY A 114 -20.14 -31.64 -17.17
N ARG A 115 -19.53 -30.85 -16.28
CA ARG A 115 -19.22 -29.45 -16.54
C ARG A 115 -17.82 -29.30 -17.06
N LYS A 116 -17.53 -28.14 -17.59
CA LYS A 116 -16.25 -27.83 -18.24
C LYS A 116 -15.62 -26.62 -17.60
N GLY A 117 -14.35 -26.74 -17.21
CA GLY A 117 -13.68 -25.64 -16.55
C GLY A 117 -12.24 -25.93 -16.22
N THR A 118 -11.65 -25.09 -15.35
CA THR A 118 -10.26 -25.21 -15.00
C THR A 118 -10.07 -24.90 -13.54
N SER A 119 -8.82 -24.97 -13.12
CA SER A 119 -8.42 -24.80 -11.72
C SER A 119 -6.91 -24.66 -11.67
N TYR A 120 -6.38 -24.51 -10.46
CA TYR A 120 -4.95 -24.63 -10.26
C TYR A 120 -4.57 -26.00 -10.85
N PRO A 121 -3.52 -26.10 -11.67
CA PRO A 121 -3.20 -27.40 -12.28
C PRO A 121 -2.89 -28.49 -11.27
N GLY A 122 -2.39 -28.14 -10.08
CA GLY A 122 -2.08 -29.13 -9.07
C GLY A 122 -3.28 -29.93 -8.62
N ILE A 123 -4.51 -29.42 -8.80
CA ILE A 123 -5.71 -30.21 -8.45
C ILE A 123 -6.50 -30.63 -9.70
N LYS A 124 -5.89 -30.59 -10.87
CA LYS A 124 -6.60 -31.03 -12.07
C LYS A 124 -7.18 -32.44 -11.92
N ASP A 125 -6.38 -33.36 -11.36
CA ASP A 125 -6.85 -34.73 -11.23
C ASP A 125 -8.09 -34.86 -10.39
N ASP A 126 -8.19 -34.00 -9.35
CA ASP A 126 -9.34 -34.01 -8.46
C ASP A 126 -10.56 -33.43 -9.17
N MET A 127 -10.35 -32.41 -10.00
CA MET A 127 -11.43 -31.87 -10.84
C MET A 127 -11.92 -32.95 -11.84
N ILE A 128 -10.99 -33.67 -12.47
CA ILE A 128 -11.32 -34.73 -13.42
C ILE A 128 -12.12 -35.83 -12.72
N ASN A 129 -11.67 -36.22 -11.51
CA ASN A 129 -12.37 -37.29 -10.77
C ASN A 129 -13.73 -36.86 -10.28
N ALA A 130 -14.00 -35.56 -10.20
CA ALA A 130 -15.31 -35.01 -9.87
C ALA A 130 -16.20 -34.90 -11.11
N GLY A 131 -15.71 -35.32 -12.27
CA GLY A 131 -16.47 -35.27 -13.51
C GLY A 131 -16.34 -34.04 -14.37
N VAL A 132 -15.34 -33.23 -14.12
CA VAL A 132 -15.09 -32.02 -14.91
C VAL A 132 -14.31 -32.36 -16.19
N GLU A 133 -14.68 -31.72 -17.32
CA GLU A 133 -13.86 -31.73 -18.50
C GLU A 133 -12.85 -30.61 -18.27
N TRP A 134 -11.62 -30.95 -17.85
CA TRP A 134 -10.61 -29.98 -17.42
C TRP A 134 -9.84 -29.42 -18.58
N VAL A 135 -9.76 -28.11 -18.67
CA VAL A 135 -9.14 -27.38 -19.78
C VAL A 135 -7.98 -26.57 -19.23
N ASP A 136 -6.84 -26.61 -19.91
CA ASP A 136 -5.69 -25.81 -19.50
C ASP A 136 -5.75 -24.47 -20.23
N ALA A 137 -6.56 -23.55 -19.69
CA ALA A 137 -6.74 -22.23 -20.28
C ALA A 137 -6.86 -21.19 -19.20
N GLU A 138 -6.48 -19.93 -19.53
CA GLU A 138 -6.54 -18.83 -18.56
C GLU A 138 -7.95 -18.54 -18.06
N VAL A 139 -8.95 -18.76 -18.89
CA VAL A 139 -10.34 -18.66 -18.47
C VAL A 139 -11.18 -19.59 -19.28
N VAL A 140 -12.17 -20.21 -18.62
CA VAL A 140 -13.14 -21.06 -19.26
C VAL A 140 -14.52 -20.55 -18.85
N VAL A 141 -15.45 -20.49 -19.79
CA VAL A 141 -16.82 -20.07 -19.54
C VAL A 141 -17.71 -21.24 -19.90
N ASP A 142 -18.42 -21.78 -18.94
CA ASP A 142 -19.34 -22.88 -19.15
C ASP A 142 -20.66 -22.48 -18.55
N GLY A 143 -21.49 -21.79 -19.34
CA GLY A 143 -22.75 -21.26 -18.86
C GLY A 143 -22.51 -20.27 -17.73
N ASN A 144 -23.01 -20.59 -16.55
CA ASN A 144 -22.88 -19.74 -15.37
C ASN A 144 -21.50 -19.82 -14.68
N TRP A 145 -20.67 -20.78 -15.07
CA TRP A 145 -19.42 -21.05 -14.37
C TRP A 145 -18.22 -20.50 -15.12
N VAL A 146 -17.59 -19.52 -14.52
CA VAL A 146 -16.37 -18.88 -15.07
C VAL A 146 -15.20 -19.28 -14.24
N SER A 147 -14.25 -20.02 -14.82
CA SER A 147 -13.15 -20.55 -14.05
C SER A 147 -11.79 -20.16 -14.60
N SER A 148 -10.82 -19.95 -13.70
CA SER A 148 -9.44 -19.64 -14.05
C SER A 148 -8.48 -20.42 -13.14
N ARG A 149 -7.18 -20.36 -13.45
CA ARG A 149 -6.18 -21.22 -12.81
C ARG A 149 -5.35 -20.59 -11.72
N VAL A 150 -4.71 -19.45 -12.03
CA VAL A 150 -3.68 -18.85 -11.19
C VAL A 150 -3.77 -17.32 -11.22
N PRO A 151 -3.06 -16.63 -10.31
CA PRO A 151 -3.10 -15.15 -10.34
C PRO A 151 -2.77 -14.50 -11.68
N ALA A 152 -1.89 -15.10 -12.50
CA ALA A 152 -1.61 -14.55 -13.83
C ALA A 152 -2.85 -14.45 -14.73
N ASP A 153 -3.92 -15.20 -14.40
CA ASP A 153 -5.16 -15.25 -15.17
C ASP A 153 -6.19 -14.20 -14.73
N LEU A 154 -5.92 -13.43 -13.68
CA LEU A 154 -6.94 -12.50 -13.16
C LEU A 154 -7.60 -11.66 -14.21
N TYR A 155 -6.83 -11.03 -15.08
CA TYR A 155 -7.40 -10.13 -16.10
C TYR A 155 -8.49 -10.80 -16.91
N ALA A 156 -8.24 -12.03 -17.33
CA ALA A 156 -9.18 -12.77 -18.20
C ALA A 156 -10.37 -13.32 -17.41
N TRP A 157 -10.10 -13.72 -16.16
CA TRP A 157 -11.12 -14.28 -15.26
C TRP A 157 -12.26 -13.28 -15.07
N MET A 158 -11.93 -12.05 -14.63
CA MET A 158 -12.99 -11.06 -14.43
C MET A 158 -13.47 -10.43 -15.72
N ARG A 159 -12.65 -10.39 -16.77
CA ARG A 159 -13.16 -9.92 -18.08
C ARG A 159 -14.40 -10.70 -18.45
N GLU A 160 -14.34 -12.02 -18.30
CA GLU A 160 -15.48 -12.88 -18.60
C GLU A 160 -16.55 -12.84 -17.55
N PHE A 161 -16.19 -12.79 -16.27
CA PHE A 161 -17.23 -12.79 -15.23
C PHE A 161 -18.09 -11.55 -15.26
N VAL A 162 -17.47 -10.38 -15.48
CA VAL A 162 -18.23 -9.13 -15.54
C VAL A 162 -19.32 -9.20 -16.60
N LYS A 163 -19.04 -9.86 -17.73
CA LYS A 163 -20.05 -10.01 -18.79
C LYS A 163 -21.31 -10.74 -18.34
N LEU A 164 -21.19 -11.74 -17.44
CA LEU A 164 -22.34 -12.50 -16.93
C LEU A 164 -23.21 -11.71 -16.04
N LEU A 165 -22.67 -10.72 -15.37
CA LEU A 165 -23.44 -9.95 -14.42
C LEU A 165 -24.15 -8.79 -15.06
N LYS A 166 -23.87 -8.48 -16.34
CA LYS A 166 -24.50 -7.34 -17.03
C LYS A 166 -25.73 -7.82 -17.73
N MET B 1 -2.87 0.42 -26.61
CA MET B 1 -2.05 1.26 -25.72
C MET B 1 -0.99 0.45 -24.98
N LYS B 2 0.19 1.05 -24.82
CA LYS B 2 1.30 0.45 -24.11
C LYS B 2 1.43 1.24 -22.81
N VAL B 3 1.25 0.57 -21.70
CA VAL B 3 1.25 1.20 -20.38
C VAL B 3 2.49 0.82 -19.64
N LEU B 4 3.25 1.82 -19.16
CA LEU B 4 4.47 1.61 -18.41
C LEU B 4 4.22 1.75 -16.94
N PHE B 5 4.88 0.93 -16.14
CA PHE B 5 4.85 1.02 -14.67
C PHE B 5 6.25 1.30 -14.20
N LEU B 6 6.45 2.30 -13.32
CA LEU B 6 7.77 2.61 -12.74
C LEU B 6 7.66 2.17 -11.30
N THR B 7 8.47 1.18 -10.91
CA THR B 7 8.40 0.63 -9.58
C THR B 7 9.72 -0.04 -9.21
N ALA B 8 9.74 -0.69 -8.07
CA ALA B 8 10.95 -1.27 -7.51
C ALA B 8 10.60 -2.20 -6.37
N ASN B 9 11.60 -2.83 -5.75
CA ASN B 9 11.32 -3.66 -4.59
C ASN B 9 10.56 -2.87 -3.51
N GLU B 10 9.71 -3.58 -2.77
CA GLU B 10 8.88 -3.03 -1.70
C GLU B 10 7.75 -2.18 -2.24
N PHE B 11 7.32 -2.46 -3.49
CA PHE B 11 6.09 -1.89 -3.97
C PHE B 11 4.91 -2.46 -3.17
N GLU B 12 3.83 -1.70 -3.08
CA GLU B 12 2.61 -2.19 -2.42
CA GLU B 12 2.62 -2.17 -2.41
C GLU B 12 2.00 -3.16 -3.42
N ASP B 13 1.94 -4.44 -3.06
CA ASP B 13 1.62 -5.51 -4.00
C ASP B 13 0.37 -5.31 -4.83
N VAL B 14 -0.77 -5.08 -4.15
CA VAL B 14 -2.02 -4.93 -4.88
C VAL B 14 -2.07 -3.66 -5.70
N GLU B 15 -1.32 -2.63 -5.33
CA GLU B 15 -1.29 -1.39 -6.11
C GLU B 15 -0.58 -1.54 -7.45
N LEU B 16 0.28 -2.56 -7.59
CA LEU B 16 0.89 -2.91 -8.86
C LEU B 16 0.01 -3.94 -9.56
N ILE B 17 -0.32 -5.04 -8.87
CA ILE B 17 -1.02 -6.17 -9.50
C ILE B 17 -2.43 -5.82 -9.99
N TYR B 18 -3.16 -5.02 -9.23
CA TYR B 18 -4.51 -4.64 -9.65
C TYR B 18 -4.57 -3.87 -10.95
N PRO B 19 -3.83 -2.73 -11.11
CA PRO B 19 -3.88 -2.04 -12.39
C PRO B 19 -3.28 -2.86 -13.52
N TYR B 20 -2.28 -3.68 -13.22
CA TYR B 20 -1.66 -4.52 -14.24
C TYR B 20 -2.72 -5.36 -14.91
N HIS B 21 -3.49 -6.10 -14.11
CA HIS B 21 -4.52 -6.95 -14.68
C HIS B 21 -5.71 -6.16 -15.22
N ARG B 22 -6.10 -5.10 -14.54
CA ARG B 22 -7.26 -4.34 -14.99
C ARG B 22 -7.04 -3.75 -16.37
N LEU B 23 -5.81 -3.28 -16.63
CA LEU B 23 -5.49 -2.73 -17.94
C LEU B 23 -5.30 -3.81 -18.98
N LYS B 24 -4.76 -5.00 -18.61
CA LYS B 24 -4.70 -6.12 -19.55
C LYS B 24 -6.11 -6.55 -19.98
N GLU B 25 -7.10 -6.44 -19.07
CA GLU B 25 -8.50 -6.79 -19.42
C GLU B 25 -8.96 -6.01 -20.63
N GLU B 26 -8.57 -4.73 -20.71
CA GLU B 26 -8.94 -3.85 -21.83
C GLU B 26 -8.21 -4.18 -23.14
N GLY B 27 -7.17 -5.01 -23.08
CA GLY B 27 -6.36 -5.35 -24.23
C GLY B 27 -5.11 -4.49 -24.32
N HIS B 28 -4.85 -3.65 -23.30
CA HIS B 28 -3.63 -2.83 -23.31
C HIS B 28 -2.43 -3.71 -22.98
N GLU B 29 -1.26 -3.36 -23.50
CA GLU B 29 -0.02 -4.03 -23.18
C GLU B 29 0.53 -3.34 -21.94
N VAL B 30 1.08 -4.10 -21.02
CA VAL B 30 1.59 -3.59 -19.73
C VAL B 30 3.04 -3.99 -19.57
N TYR B 31 3.88 -3.04 -19.13
CA TYR B 31 5.33 -3.21 -19.00
C TYR B 31 5.80 -2.75 -17.65
N ILE B 32 6.60 -3.56 -16.97
CA ILE B 32 7.16 -3.21 -15.66
C ILE B 32 8.59 -2.77 -15.87
N ALA B 33 8.90 -1.52 -15.47
CA ALA B 33 10.26 -1.02 -15.51
C ALA B 33 10.80 -0.84 -14.09
N SER B 34 12.05 -1.22 -13.88
CA SER B 34 12.70 -1.04 -12.59
C SER B 34 14.22 -0.87 -12.76
N PHE B 35 14.97 -0.93 -11.67
CA PHE B 35 16.42 -0.70 -11.72
C PHE B 35 17.16 -1.72 -12.57
N GLU B 36 16.78 -2.98 -12.46
CA GLU B 36 17.42 -4.08 -13.14
C GLU B 36 16.43 -5.10 -13.63
N ARG B 37 16.84 -5.86 -14.64
CA ARG B 37 16.04 -6.99 -15.11
C ARG B 37 16.05 -8.08 -14.04
N GLY B 38 15.18 -9.05 -14.18
CA GLY B 38 15.00 -10.12 -13.20
C GLY B 38 13.64 -9.94 -12.56
N THR B 39 13.56 -10.01 -11.23
CA THR B 39 12.30 -9.89 -10.52
C THR B 39 12.44 -8.82 -9.42
N ILE B 40 11.30 -8.30 -9.01
CA ILE B 40 11.15 -7.42 -7.86
C ILE B 40 10.11 -8.05 -6.98
N THR B 41 10.16 -7.75 -5.67
CA THR B 41 9.27 -8.37 -4.68
C THR B 41 8.57 -7.28 -3.90
N GLY B 42 7.26 -7.45 -3.72
CA GLY B 42 6.46 -6.47 -3.01
C GLY B 42 6.64 -6.55 -1.52
N LYS B 43 6.07 -5.58 -0.81
CA LYS B 43 6.06 -5.55 0.64
C LYS B 43 5.49 -6.85 1.22
N HIS B 44 4.48 -7.40 0.56
CA HIS B 44 3.79 -8.63 0.99
C HIS B 44 4.29 -9.90 0.34
N GLY B 45 5.38 -9.84 -0.39
CA GLY B 45 6.03 -11.03 -0.90
C GLY B 45 5.65 -11.50 -2.29
N TYR B 46 4.76 -10.82 -2.99
CA TYR B 46 4.49 -11.21 -4.38
C TYR B 46 5.68 -10.81 -5.25
N SER B 47 6.10 -11.70 -6.16
CA SER B 47 7.22 -11.42 -7.07
CA SER B 47 7.21 -11.41 -7.06
C SER B 47 6.69 -11.17 -8.46
N VAL B 48 7.25 -10.16 -9.13
CA VAL B 48 6.86 -9.85 -10.51
C VAL B 48 8.12 -9.70 -11.32
N LYS B 49 8.02 -10.05 -12.60
CA LYS B 49 9.11 -9.97 -13.53
C LYS B 49 9.26 -8.52 -14.01
N VAL B 50 10.50 -8.05 -14.09
CA VAL B 50 10.82 -6.74 -14.65
C VAL B 50 10.97 -6.94 -16.17
N ASP B 51 10.26 -6.13 -16.96
CA ASP B 51 10.34 -6.20 -18.43
C ASP B 51 11.53 -5.45 -18.98
N LEU B 52 11.81 -4.28 -18.41
CA LEU B 52 12.94 -3.47 -18.86
C LEU B 52 13.46 -2.57 -17.77
N THR B 53 14.70 -2.12 -17.93
CA THR B 53 15.29 -1.25 -16.93
C THR B 53 14.92 0.21 -17.23
N PHE B 54 15.04 1.09 -16.23
CA PHE B 54 14.79 2.52 -16.46
C PHE B 54 15.66 3.03 -17.60
N ASP B 55 16.94 2.60 -17.64
CA ASP B 55 17.88 3.05 -18.66
C ASP B 55 17.43 2.71 -20.08
N LYS B 56 16.77 1.58 -20.29
CA LYS B 56 16.27 1.15 -21.60
C LYS B 56 14.92 1.75 -22.00
N VAL B 57 14.21 2.44 -21.08
CA VAL B 57 12.92 3.02 -21.43
C VAL B 57 13.10 4.24 -22.33
N ASN B 58 12.38 4.26 -23.48
CA ASN B 58 12.24 5.43 -24.32
C ASN B 58 10.80 5.85 -24.07
N PRO B 59 10.55 6.96 -23.34
CA PRO B 59 9.16 7.37 -23.04
C PRO B 59 8.24 7.55 -24.25
N GLU B 60 8.82 7.86 -25.39
CA GLU B 60 8.04 8.02 -26.63
C GLU B 60 7.37 6.72 -27.08
N GLU B 61 7.86 5.56 -26.62
CA GLU B 61 7.29 4.25 -26.98
C GLU B 61 6.09 3.87 -26.12
N PHE B 62 5.75 4.66 -25.07
CA PHE B 62 4.67 4.29 -24.15
C PHE B 62 3.59 5.35 -24.17
N ASP B 63 2.34 4.90 -24.02
CA ASP B 63 1.16 5.76 -24.09
C ASP B 63 0.68 6.25 -22.74
N ALA B 64 0.97 5.54 -21.67
CA ALA B 64 0.45 5.87 -20.36
C ALA B 64 1.37 5.33 -19.30
N LEU B 65 1.22 5.87 -18.08
CA LEU B 65 2.12 5.58 -16.98
C LEU B 65 1.35 5.30 -15.71
N VAL B 66 1.79 4.27 -14.95
CA VAL B 66 1.20 3.93 -13.69
C VAL B 66 2.30 3.97 -12.64
N LEU B 67 1.98 4.57 -11.50
CA LEU B 67 2.88 4.73 -10.37
C LEU B 67 2.26 4.13 -9.14
N PRO B 68 2.54 2.83 -8.88
CA PRO B 68 2.06 2.20 -7.65
C PRO B 68 2.78 2.80 -6.44
N GLY B 69 2.25 2.51 -5.28
CA GLY B 69 2.83 2.92 -4.02
C GLY B 69 3.73 1.91 -3.33
N GLY B 70 3.72 1.95 -2.00
CA GLY B 70 4.60 1.21 -1.13
C GLY B 70 5.82 2.05 -0.79
N ARG B 71 6.92 1.38 -0.45
CA ARG B 71 8.21 2.04 -0.19
C ARG B 71 9.05 2.22 -1.46
N ALA B 72 8.64 1.58 -2.58
CA ALA B 72 9.36 1.68 -3.84
C ALA B 72 9.51 3.12 -4.35
N PRO B 73 8.49 3.99 -4.27
CA PRO B 73 8.68 5.35 -4.82
C PRO B 73 9.82 6.14 -4.21
N GLU B 74 10.13 5.93 -2.92
CA GLU B 74 11.26 6.67 -2.33
C GLU B 74 12.62 6.22 -2.93
N ARG B 75 12.68 5.01 -3.49
CA ARG B 75 13.87 4.54 -4.21
C ARG B 75 13.85 5.09 -5.65
N VAL B 76 12.71 4.93 -6.33
CA VAL B 76 12.53 5.33 -7.72
C VAL B 76 12.80 6.83 -7.89
N ARG B 77 12.31 7.66 -6.92
CA ARG B 77 12.44 9.10 -7.06
C ARG B 77 13.86 9.63 -6.94
N LEU B 78 14.82 8.79 -6.54
CA LEU B 78 16.23 9.19 -6.53
C LEU B 78 16.94 8.81 -7.83
N ASN B 79 16.26 8.10 -8.75
CA ASN B 79 16.86 7.66 -10.01
C ASN B 79 16.53 8.72 -11.05
N GLU B 80 17.55 9.43 -11.55
CA GLU B 80 17.33 10.52 -12.51
C GLU B 80 16.59 10.04 -13.75
N LYS B 81 16.94 8.85 -14.24
CA LYS B 81 16.27 8.35 -15.44
C LYS B 81 14.79 8.07 -15.19
N ALA B 82 14.47 7.42 -14.11
CA ALA B 82 13.05 7.13 -13.80
C ALA B 82 12.25 8.42 -13.63
N VAL B 83 12.81 9.40 -12.91
CA VAL B 83 12.15 10.70 -12.72
C VAL B 83 11.96 11.42 -14.05
N SER B 84 12.95 11.33 -14.95
CA SER B 84 12.87 11.95 -16.28
C SER B 84 11.76 11.31 -17.12
N ILE B 85 11.58 9.97 -17.00
CA ILE B 85 10.49 9.30 -17.72
C ILE B 85 9.14 9.85 -17.25
N ALA B 86 8.96 9.93 -15.94
CA ALA B 86 7.72 10.45 -15.37
C ALA B 86 7.52 11.92 -15.76
N ARG B 87 8.61 12.71 -15.70
CA ARG B 87 8.53 14.13 -16.08
C ARG B 87 8.02 14.29 -17.52
N LYS B 88 8.65 13.57 -18.43
CA LYS B 88 8.29 13.62 -19.85
C LYS B 88 6.89 13.18 -20.12
N MET B 89 6.52 11.99 -19.64
CA MET B 89 5.19 11.49 -19.91
C MET B 89 4.10 12.37 -19.31
N PHE B 90 4.26 12.80 -18.07
CA PHE B 90 3.27 13.64 -17.43
C PHE B 90 3.16 14.99 -18.11
N SER B 91 4.28 15.62 -18.39
CA SER B 91 4.25 16.97 -18.97
C SER B 91 3.73 16.98 -20.43
N GLU B 92 3.86 15.87 -21.14
CA GLU B 92 3.30 15.70 -22.48
C GLU B 92 1.79 15.44 -22.47
N GLY B 93 1.19 15.30 -21.30
CA GLY B 93 -0.25 15.08 -21.18
C GLY B 93 -0.68 13.64 -21.33
N LYS B 94 0.26 12.69 -21.27
CA LYS B 94 -0.13 11.28 -21.36
C LYS B 94 -0.84 10.90 -20.06
N PRO B 95 -1.79 9.95 -20.11
CA PRO B 95 -2.43 9.53 -18.86
C PRO B 95 -1.43 8.99 -17.84
N VAL B 96 -1.53 9.49 -16.61
CA VAL B 96 -0.68 9.06 -15.51
C VAL B 96 -1.57 8.72 -14.33
N ALA B 97 -1.49 7.50 -13.82
CA ALA B 97 -2.23 7.08 -12.65
C ALA B 97 -1.25 6.94 -11.49
N SER B 98 -1.57 7.53 -10.36
CA SER B 98 -0.75 7.36 -9.14
C SER B 98 -1.63 6.93 -7.97
N ILE B 99 -1.03 6.19 -7.05
CA ILE B 99 -1.73 5.82 -5.84
C ILE B 99 -0.76 5.83 -4.66
N CYS B 100 -1.27 6.21 -3.50
CA CYS B 100 -0.56 6.09 -2.24
C CYS B 100 0.76 6.87 -2.24
N HIS B 101 1.95 6.24 -2.14
CA HIS B 101 3.22 7.00 -2.24
C HIS B 101 3.68 7.21 -3.67
N GLY B 102 2.99 6.61 -4.64
CA GLY B 102 3.33 6.76 -6.06
C GLY B 102 3.65 8.18 -6.51
N PRO B 103 2.86 9.21 -6.11
CA PRO B 103 3.15 10.57 -6.61
C PRO B 103 4.39 11.23 -6.05
N GLN B 104 5.13 10.57 -5.12
CA GLN B 104 6.43 11.09 -4.72
C GLN B 104 7.33 11.20 -5.94
N ILE B 105 7.16 10.30 -6.93
CA ILE B 105 7.94 10.35 -8.17
C ILE B 105 7.61 11.61 -8.98
N LEU B 106 6.32 11.98 -8.99
CA LEU B 106 5.86 13.19 -9.67
C LEU B 106 6.31 14.44 -8.94
N ILE B 107 6.35 14.40 -7.58
CA ILE B 107 6.91 15.53 -6.85
C ILE B 107 8.34 15.77 -7.33
N SER B 108 9.15 14.71 -7.35
CA SER B 108 10.54 14.82 -7.73
C SER B 108 10.75 15.25 -9.20
N ALA B 109 9.80 14.91 -10.04
CA ALA B 109 9.78 15.32 -11.45
C ALA B 109 9.53 16.82 -11.62
N GLY B 110 8.96 17.45 -10.59
CA GLY B 110 8.70 18.88 -10.58
C GLY B 110 7.53 19.31 -11.42
N VAL B 111 6.56 18.43 -11.62
CA VAL B 111 5.43 18.65 -12.53
C VAL B 111 4.09 18.91 -11.85
N LEU B 112 4.03 18.93 -10.52
CA LEU B 112 2.72 19.00 -9.86
C LEU B 112 2.26 20.36 -9.42
N ARG B 113 3.01 21.44 -9.63
CA ARG B 113 2.53 22.72 -9.12
C ARG B 113 1.22 23.14 -9.81
N GLY B 114 0.22 23.46 -8.99
CA GLY B 114 -1.11 23.86 -9.44
C GLY B 114 -2.03 22.73 -9.83
N ARG B 115 -1.55 21.51 -9.72
CA ARG B 115 -2.35 20.39 -10.09
C ARG B 115 -3.19 19.96 -8.89
N LYS B 116 -4.27 19.20 -9.18
CA LYS B 116 -5.25 18.77 -8.19
C LYS B 116 -5.26 17.25 -8.07
N GLY B 117 -5.02 16.74 -6.88
CA GLY B 117 -4.98 15.28 -6.70
C GLY B 117 -4.87 14.86 -5.27
N THR B 118 -4.53 13.58 -5.08
CA THR B 118 -4.45 13.00 -3.77
C THR B 118 -3.29 12.04 -3.69
N SER B 119 -3.15 11.45 -2.53
CA SER B 119 -2.04 10.55 -2.22
C SER B 119 -2.35 9.85 -0.92
N TYR B 120 -1.42 9.02 -0.47
CA TYR B 120 -1.48 8.50 0.87
C TYR B 120 -1.55 9.74 1.80
N PRO B 121 -2.46 9.79 2.78
CA PRO B 121 -2.57 11.01 3.60
C PRO B 121 -1.32 11.38 4.38
N GLY B 122 -0.49 10.40 4.70
CA GLY B 122 0.77 10.64 5.40
C GLY B 122 1.71 11.58 4.66
N ILE B 123 1.57 11.70 3.32
CA ILE B 123 2.44 12.63 2.57
C ILE B 123 1.65 13.79 2.00
N LYS B 124 0.45 14.06 2.52
CA LYS B 124 -0.31 15.21 2.02
C LYS B 124 0.47 16.50 2.11
N ASP B 125 1.20 16.72 3.23
CA ASP B 125 1.94 17.99 3.37
C ASP B 125 3.00 18.15 2.33
N ASP B 126 3.59 17.03 1.90
CA ASP B 126 4.65 17.05 0.88
C ASP B 126 4.04 17.34 -0.50
N MET B 127 2.86 16.82 -0.74
CA MET B 127 2.10 17.13 -1.97
C MET B 127 1.74 18.63 -2.00
N ILE B 128 1.26 19.17 -0.86
CA ILE B 128 0.89 20.57 -0.74
C ILE B 128 2.12 21.44 -0.99
N ASN B 129 3.27 21.07 -0.38
CA ASN B 129 4.50 21.85 -0.56
C ASN B 129 5.05 21.81 -2.00
N ALA B 130 4.67 20.79 -2.77
CA ALA B 130 5.02 20.68 -4.17
C ALA B 130 4.02 21.47 -5.05
N GLY B 131 3.01 22.06 -4.42
CA GLY B 131 2.03 22.90 -5.12
C GLY B 131 0.73 22.22 -5.50
N VAL B 132 0.44 21.05 -4.95
CA VAL B 132 -0.80 20.33 -5.23
C VAL B 132 -1.93 20.91 -4.43
N GLU B 133 -3.11 21.01 -5.05
CA GLU B 133 -4.37 21.25 -4.35
C GLU B 133 -4.81 19.83 -3.90
N TRP B 134 -4.52 19.47 -2.64
CA TRP B 134 -4.71 18.11 -2.13
C TRP B 134 -6.12 17.88 -1.70
N VAL B 135 -6.74 16.79 -2.18
CA VAL B 135 -8.15 16.47 -1.94
C VAL B 135 -8.20 15.12 -1.23
N ASP B 136 -9.03 15.02 -0.19
CA ASP B 136 -9.19 13.74 0.53
C ASP B 136 -10.36 12.99 -0.12
N ALA B 137 -10.07 12.30 -1.23
CA ALA B 137 -11.06 11.56 -1.97
C ALA B 137 -10.49 10.28 -2.50
N GLU B 138 -11.35 9.26 -2.70
CA GLU B 138 -10.90 7.95 -3.20
C GLU B 138 -10.28 8.02 -4.58
N VAL B 139 -10.74 8.94 -5.42
CA VAL B 139 -10.11 9.19 -6.71
C VAL B 139 -10.31 10.64 -7.08
N VAL B 140 -9.28 11.20 -7.70
CA VAL B 140 -9.30 12.56 -8.23
C VAL B 140 -8.86 12.46 -9.69
N VAL B 141 -9.55 13.17 -10.58
CA VAL B 141 -9.21 13.23 -12.00
C VAL B 141 -8.89 14.68 -12.31
N ASP B 142 -7.66 14.97 -12.69
CA ASP B 142 -7.23 16.31 -13.05
C ASP B 142 -6.58 16.22 -14.40
N GLY B 143 -7.41 16.30 -15.44
CA GLY B 143 -6.92 16.15 -16.81
C GLY B 143 -6.34 14.76 -17.01
N ASN B 144 -5.04 14.69 -17.30
CA ASN B 144 -4.37 13.41 -17.52
C ASN B 144 -3.99 12.67 -16.24
N TRP B 145 -4.12 13.31 -15.07
CA TRP B 145 -3.65 12.76 -13.81
C TRP B 145 -4.78 12.19 -12.98
N VAL B 146 -4.74 10.89 -12.81
CA VAL B 146 -5.75 10.15 -12.01
C VAL B 146 -5.07 9.67 -10.75
N SER B 147 -5.49 10.17 -9.59
CA SER B 147 -4.81 9.86 -8.35
C SER B 147 -5.75 9.28 -7.29
N SER B 148 -5.23 8.35 -6.48
CA SER B 148 -5.92 7.73 -5.39
C SER B 148 -5.00 7.60 -4.15
N ARG B 149 -5.56 7.20 -3.02
CA ARG B 149 -4.86 7.24 -1.75
C ARG B 149 -4.30 5.95 -1.23
N VAL B 150 -5.15 4.93 -1.14
CA VAL B 150 -4.84 3.67 -0.47
C VAL B 150 -5.44 2.47 -1.20
N PRO B 151 -5.06 1.24 -0.84
CA PRO B 151 -5.64 0.06 -1.50
C PRO B 151 -7.16 0.00 -1.51
N ALA B 152 -7.84 0.54 -0.49
CA ALA B 152 -9.31 0.55 -0.49
C ALA B 152 -9.92 1.30 -1.68
N ASP B 153 -9.12 2.18 -2.31
CA ASP B 153 -9.54 3.01 -3.41
C ASP B 153 -9.36 2.37 -4.78
N LEU B 154 -8.76 1.18 -4.87
CA LEU B 154 -8.44 0.59 -6.17
C LEU B 154 -9.59 0.61 -7.15
N TYR B 155 -10.79 0.17 -6.73
CA TYR B 155 -11.92 0.10 -7.65
C TYR B 155 -12.16 1.44 -8.37
N ALA B 156 -12.13 2.52 -7.62
CA ALA B 156 -12.42 3.84 -8.16
C ALA B 156 -11.25 4.41 -8.98
N TRP B 157 -10.03 4.09 -8.54
CA TRP B 157 -8.81 4.52 -9.20
C TRP B 157 -8.79 4.05 -10.67
N MET B 158 -8.94 2.74 -10.89
CA MET B 158 -8.92 2.24 -12.26
C MET B 158 -10.22 2.48 -12.97
N ARG B 159 -11.36 2.60 -12.24
CA ARG B 159 -12.62 2.95 -12.94
C ARG B 159 -12.39 4.25 -13.78
N GLU B 160 -11.75 5.21 -13.15
CA GLU B 160 -11.46 6.48 -13.81
C GLU B 160 -10.31 6.39 -14.78
N PHE B 161 -9.25 5.66 -14.45
CA PHE B 161 -8.10 5.60 -15.38
C PHE B 161 -8.45 4.91 -16.69
N VAL B 162 -9.24 3.84 -16.66
CA VAL B 162 -9.57 3.13 -17.89
C VAL B 162 -10.30 4.04 -18.85
N LYS B 163 -11.10 4.98 -18.31
CA LYS B 163 -11.82 5.94 -19.17
C LYS B 163 -10.87 6.81 -19.98
N LEU B 164 -9.70 7.19 -19.42
CA LEU B 164 -8.71 8.02 -20.14
C LEU B 164 -8.04 7.31 -21.26
N LEU B 165 -7.92 6.02 -21.18
CA LEU B 165 -7.22 5.25 -22.21
C LEU B 165 -8.15 4.86 -23.36
N LYS B 166 -9.48 5.09 -23.22
CA LYS B 166 -10.49 4.74 -24.23
C LYS B 166 -10.65 5.83 -25.26
N MET C 1 18.29 17.69 32.22
CA MET C 1 17.39 17.96 31.09
C MET C 1 16.36 16.84 30.92
N LYS C 2 15.12 17.20 30.54
CA LYS C 2 14.05 16.24 30.26
C LYS C 2 13.90 16.23 28.75
N VAL C 3 14.16 15.09 28.13
CA VAL C 3 14.16 14.95 26.68
C VAL C 3 12.94 14.15 26.25
N LEU C 4 12.15 14.72 25.34
CA LEU C 4 10.97 14.08 24.83
C LEU C 4 11.24 13.45 23.48
N PHE C 5 10.69 12.25 23.24
CA PHE C 5 10.76 11.58 21.95
C PHE C 5 9.32 11.53 21.41
N LEU C 6 9.09 11.89 20.14
CA LEU C 6 7.77 11.76 19.51
C LEU C 6 7.93 10.65 18.49
N THR C 7 7.18 9.54 18.68
CA THR C 7 7.37 8.35 17.84
C THR C 7 6.08 7.50 17.87
N ALA C 8 6.14 6.36 17.21
CA ALA C 8 4.99 5.48 17.07
C ALA C 8 5.45 4.14 16.57
N ASN C 9 4.52 3.21 16.36
CA ASN C 9 4.88 1.92 15.76
C ASN C 9 5.62 2.11 14.43
N GLU C 10 6.52 1.18 14.14
CA GLU C 10 7.33 1.18 12.90
C GLU C 10 8.39 2.27 12.92
N PHE C 11 8.81 2.67 14.13
CA PHE C 11 9.98 3.52 14.26
C PHE C 11 11.21 2.71 13.83
N GLU C 12 12.25 3.39 13.37
CA GLU C 12 13.54 2.75 13.00
C GLU C 12 14.19 2.48 14.33
N ASP C 13 14.32 1.20 14.67
CA ASP C 13 14.69 0.78 16.03
C ASP C 13 15.90 1.45 16.62
N VAL C 14 17.03 1.39 15.94
CA VAL C 14 18.25 1.97 16.48
C VAL C 14 18.20 3.48 16.56
N GLU C 15 17.38 4.13 15.72
CA GLU C 15 17.25 5.59 15.78
C GLU C 15 16.51 6.08 17.00
N LEU C 16 15.72 5.22 17.66
CA LEU C 16 15.10 5.51 18.93
C LEU C 16 16.01 5.04 20.05
N ILE C 17 16.43 3.78 20.00
CA ILE C 17 17.19 3.17 21.10
C ILE C 17 18.55 3.85 21.33
N TYR C 18 19.26 4.20 20.28
CA TYR C 18 20.56 4.82 20.41
C TYR C 18 20.49 6.15 21.16
N PRO C 19 19.71 7.15 20.72
CA PRO C 19 19.67 8.41 21.47
C PRO C 19 19.07 8.23 22.87
N TYR C 20 18.12 7.30 23.03
CA TYR C 20 17.52 7.03 24.34
C TYR C 20 18.61 6.71 25.37
N HIS C 21 19.45 5.72 25.04
CA HIS C 21 20.52 5.35 25.94
C HIS C 21 21.65 6.39 26.01
N ARG C 22 22.00 6.98 24.89
CA ARG C 22 23.08 7.97 24.87
C ARG C 22 22.79 9.14 25.77
N LEU C 23 21.53 9.61 25.75
CA LEU C 23 21.14 10.74 26.59
C LEU C 23 20.98 10.32 28.05
N LYS C 24 20.52 9.07 28.33
CA LYS C 24 20.49 8.59 29.72
C LYS C 24 21.90 8.53 30.30
N GLU C 25 22.91 8.19 29.47
CA GLU C 25 24.30 8.14 29.95
C GLU C 25 24.69 9.48 30.60
N GLU C 26 24.24 10.59 30.01
CA GLU C 26 24.52 11.94 30.52
C GLU C 26 23.79 12.30 31.79
N GLY C 27 22.80 11.50 32.17
CA GLY C 27 21.98 11.75 33.34
C GLY C 27 20.69 12.47 32.98
N HIS C 28 20.41 12.66 31.67
CA HIS C 28 19.17 13.30 31.26
C HIS C 28 18.02 12.30 31.45
N GLU C 29 16.83 12.82 31.69
CA GLU C 29 15.63 12.00 31.78
C GLU C 29 15.08 11.93 30.36
N VAL C 30 14.61 10.75 29.97
CA VAL C 30 14.14 10.49 28.62
C VAL C 30 12.72 9.97 28.69
N TYR C 31 11.84 10.50 27.82
CA TYR C 31 10.42 10.19 27.81
C TYR C 31 9.96 9.86 26.42
N ILE C 32 9.26 8.74 26.27
CA ILE C 32 8.71 8.32 24.98
C ILE C 32 7.26 8.70 24.95
N ALA C 33 6.86 9.55 23.98
CA ALA C 33 5.47 9.90 23.78
C ALA C 33 4.96 9.29 22.49
N SER C 34 3.73 8.75 22.54
CA SER C 34 3.10 8.20 21.35
C SER C 34 1.59 8.32 21.44
N PHE C 35 0.87 7.64 20.54
CA PHE C 35 -0.60 7.76 20.49
C PHE C 35 -1.29 7.26 21.76
N GLU C 36 -0.79 6.16 22.30
CA GLU C 36 -1.38 5.52 23.47
C GLU C 36 -0.32 4.98 24.38
N ARG C 37 -0.69 4.77 25.64
CA ARG C 37 0.20 4.13 26.61
C ARG C 37 0.26 2.64 26.25
N GLY C 38 1.21 1.95 26.84
CA GLY C 38 1.48 0.55 26.53
C GLY C 38 2.83 0.47 25.87
N THR C 39 2.93 -0.26 24.75
CA THR C 39 4.19 -0.42 24.04
C THR C 39 4.00 -0.09 22.58
N ILE C 40 5.12 0.14 21.93
CA ILE C 40 5.19 0.34 20.50
C ILE C 40 6.34 -0.55 20.02
N THR C 41 6.30 -0.97 18.77
CA THR C 41 7.25 -1.92 18.19
C THR C 41 7.89 -1.33 16.96
N GLY C 42 9.20 -1.46 16.86
CA GLY C 42 9.96 -0.93 15.73
C GLY C 42 9.82 -1.76 14.48
N LYS C 43 10.32 -1.24 13.39
CA LYS C 43 10.38 -1.94 12.09
C LYS C 43 11.06 -3.31 12.22
N HIS C 44 12.09 -3.37 13.07
CA HIS C 44 12.88 -4.57 13.30
C HIS C 44 12.44 -5.39 14.50
N GLY C 45 11.34 -5.06 15.13
CA GLY C 45 10.75 -5.86 16.18
C GLY C 45 11.14 -5.56 17.61
N TYR C 46 11.96 -4.52 17.86
CA TYR C 46 12.24 -4.15 19.26
C TYR C 46 11.00 -3.46 19.84
N SER C 47 10.65 -3.76 21.09
CA SER C 47 9.49 -3.18 21.77
CA SER C 47 9.50 -3.13 21.71
C SER C 47 9.94 -2.18 22.80
N VAL C 48 9.28 -1.01 22.91
CA VAL C 48 9.61 -0.03 23.92
C VAL C 48 8.33 0.42 24.58
N LYS C 49 8.44 0.79 25.84
CA LYS C 49 7.32 1.27 26.62
C LYS C 49 7.07 2.75 26.30
N VAL C 50 5.78 3.11 26.15
CA VAL C 50 5.36 4.49 25.97
C VAL C 50 5.19 5.10 27.37
N ASP C 51 5.81 6.24 27.64
CA ASP C 51 5.69 6.93 28.94
C ASP C 51 4.45 7.78 29.05
N LEU C 52 4.09 8.46 27.96
CA LEU C 52 2.91 9.32 27.96
C LEU C 52 2.34 9.48 26.58
N THR C 53 1.07 9.87 26.51
CA THR C 53 0.44 10.06 25.21
C THR C 53 0.70 11.48 24.71
N PHE C 54 0.53 11.72 23.41
CA PHE C 54 0.69 13.08 22.86
C PHE C 54 -0.23 14.06 23.60
N ASP C 55 -1.46 13.64 23.88
CA ASP C 55 -2.43 14.48 24.58
C ASP C 55 -1.98 14.93 25.95
N LYS C 56 -1.23 14.10 26.64
CA LYS C 56 -0.75 14.43 27.99
C LYS C 56 0.53 15.23 28.00
N VAL C 57 1.17 15.44 26.84
CA VAL C 57 2.40 16.23 26.81
C VAL C 57 2.13 17.73 26.95
N ASN C 58 2.80 18.37 27.90
CA ASN C 58 2.83 19.83 28.02
C ASN C 58 4.25 20.17 27.55
N PRO C 59 4.43 20.77 26.36
CA PRO C 59 5.80 21.06 25.87
C PRO C 59 6.67 21.90 26.80
N GLU C 60 6.05 22.71 27.66
CA GLU C 60 6.78 23.54 28.61
C GLU C 60 7.53 22.71 29.66
N GLU C 61 7.13 21.44 29.87
CA GLU C 61 7.78 20.55 30.83
C GLU C 61 9.02 19.87 30.28
N PHE C 62 9.33 20.01 28.96
CA PHE C 62 10.45 19.31 28.33
C PHE C 62 11.47 20.31 27.80
N ASP C 63 12.74 19.94 27.88
CA ASP C 63 13.86 20.79 27.49
C ASP C 63 14.36 20.56 26.08
N ALA C 64 14.14 19.39 25.54
CA ALA C 64 14.64 19.01 24.22
C ALA C 64 13.78 17.96 23.61
N LEU C 65 13.92 17.79 22.29
CA LEU C 65 13.07 16.91 21.51
C LEU C 65 13.88 16.06 20.57
N VAL C 66 13.55 14.77 20.48
CA VAL C 66 14.20 13.85 19.54
C VAL C 66 13.12 13.26 18.64
N LEU C 67 13.42 13.22 17.34
CA LEU C 67 12.55 12.72 16.31
C LEU C 67 13.25 11.60 15.55
N PRO C 68 13.06 10.35 16.01
CA PRO C 68 13.62 9.21 15.27
C PRO C 68 12.89 9.03 13.93
N GLY C 69 13.44 8.19 13.09
CA GLY C 69 12.87 7.91 11.79
C GLY C 69 12.07 6.62 11.73
N GLY C 70 12.13 5.99 10.57
CA GLY C 70 11.34 4.82 10.22
C GLY C 70 10.07 5.26 9.51
N ARG C 71 9.03 4.45 9.61
CA ARG C 71 7.71 4.78 9.06
C ARG C 71 6.82 5.50 10.09
N ALA C 72 7.23 5.57 11.34
CA ALA C 72 6.47 6.25 12.38
C ALA C 72 6.23 7.73 12.11
N PRO C 73 7.19 8.51 11.57
CA PRO C 73 6.88 9.93 11.34
C PRO C 73 5.69 10.20 10.44
N GLU C 74 5.44 9.33 9.43
CA GLU C 74 4.28 9.56 8.58
C GLU C 74 2.95 9.36 9.34
N ARG C 75 2.96 8.64 10.46
CA ARG C 75 1.79 8.52 11.34
C ARG C 75 1.75 9.73 12.28
N VAL C 76 2.88 10.03 12.94
CA VAL C 76 2.98 11.11 13.92
C VAL C 76 2.58 12.45 13.28
N ARG C 77 3.03 12.70 12.03
CA ARG C 77 2.78 13.99 11.39
C ARG C 77 1.33 14.25 11.05
N LEU C 78 0.44 13.24 11.18
CA LEU C 78 -0.99 13.45 10.98
C LEU C 78 -1.70 13.74 12.30
N ASN C 79 -0.99 13.69 13.43
CA ASN C 79 -1.58 13.95 14.75
C ASN C 79 -1.35 15.42 15.06
N GLU C 80 -2.43 16.21 15.12
CA GLU C 80 -2.31 17.65 15.37
C GLU C 80 -1.57 17.96 16.67
N LYS C 81 -1.83 17.22 17.74
CA LYS C 81 -1.15 17.48 19.02
C LYS C 81 0.34 17.21 18.92
N ALA C 82 0.74 16.10 18.29
CA ALA C 82 2.17 15.80 18.16
C ALA C 82 2.86 16.87 17.34
N VAL C 83 2.26 17.27 16.22
CA VAL C 83 2.83 18.32 15.37
C VAL C 83 2.93 19.64 16.14
N SER C 84 1.92 19.97 16.95
CA SER C 84 1.94 21.19 17.76
CA SER C 84 1.95 21.20 17.75
C SER C 84 3.06 21.17 18.79
N ILE C 85 3.34 20.00 19.38
CA ILE C 85 4.44 19.87 20.35
C ILE C 85 5.76 20.20 19.64
N ALA C 86 5.97 19.61 18.46
CA ALA C 86 7.19 19.83 17.70
C ALA C 86 7.29 21.27 17.27
N ARG C 87 6.19 21.85 16.81
CA ARG C 87 6.20 23.26 16.40
C ARG C 87 6.62 24.18 17.55
N LYS C 88 6.01 24.00 18.71
CA LYS C 88 6.27 24.82 19.89
C LYS C 88 7.71 24.69 20.36
N MET C 89 8.18 23.45 20.54
CA MET C 89 9.53 23.25 21.02
C MET C 89 10.57 23.78 20.04
N PHE C 90 10.39 23.49 18.73
CA PHE C 90 11.34 23.95 17.74
C PHE C 90 11.34 25.45 17.63
N SER C 91 10.16 26.07 17.54
CA SER C 91 10.07 27.50 17.35
C SER C 91 10.55 28.31 18.58
N GLU C 92 10.50 27.71 19.77
CA GLU C 92 11.04 28.32 21.00
C GLU C 92 12.57 28.20 21.10
N GLY C 93 13.21 27.51 20.16
CA GLY C 93 14.65 27.38 20.15
C GLY C 93 15.20 26.26 21.01
N LYS C 94 14.33 25.35 21.48
CA LYS C 94 14.81 24.23 22.27
C LYS C 94 15.57 23.28 21.35
N PRO C 95 16.58 22.56 21.86
CA PRO C 95 17.28 21.61 20.99
C PRO C 95 16.34 20.54 20.42
N VAL C 96 16.43 20.34 19.10
CA VAL C 96 15.64 19.34 18.40
C VAL C 96 16.58 18.49 17.54
N ALA C 97 16.60 17.17 17.77
CA ALA C 97 17.40 16.26 16.99
C ALA C 97 16.47 15.47 16.08
N SER C 98 16.77 15.41 14.78
CA SER C 98 16.02 14.60 13.85
C SER C 98 16.94 13.70 13.06
N ILE C 99 16.43 12.54 12.68
CA ILE C 99 17.19 11.64 11.81
C ILE C 99 16.27 10.97 10.80
N CYS C 100 16.77 10.73 9.60
CA CYS C 100 16.11 9.94 8.60
C CYS C 100 14.73 10.50 8.22
N HIS C 101 13.59 9.83 8.48
CA HIS C 101 12.27 10.42 8.17
C HIS C 101 11.77 11.31 9.29
N GLY C 102 12.47 11.35 10.43
CA GLY C 102 12.07 12.20 11.56
C GLY C 102 11.64 13.60 11.23
N PRO C 103 12.38 14.34 10.33
CA PRO C 103 11.97 15.72 10.05
C PRO C 103 10.70 15.89 9.22
N GLN C 104 10.03 14.80 8.83
CA GLN C 104 8.69 14.91 8.23
C GLN C 104 7.77 15.58 9.23
N ILE C 105 7.98 15.35 10.54
CA ILE C 105 7.15 15.97 11.58
C ILE C 105 7.39 17.48 11.61
N LEU C 106 8.63 17.91 11.41
CA LEU C 106 8.99 19.32 11.36
C LEU C 106 8.47 19.98 10.08
N ILE C 107 8.47 19.25 8.96
CA ILE C 107 7.84 19.76 7.75
C ILE C 107 6.40 20.12 8.06
N SER C 108 5.66 19.17 8.65
CA SER C 108 4.25 19.37 8.95
C SER C 108 3.99 20.46 9.98
N ALA C 109 4.95 20.69 10.86
CA ALA C 109 4.88 21.77 11.85
C ALA C 109 5.05 23.15 11.23
N GLY C 110 5.56 23.22 10.00
CA GLY C 110 5.73 24.47 9.27
C GLY C 110 6.83 25.35 9.77
N VAL C 111 7.86 24.76 10.38
CA VAL C 111 8.94 25.49 11.01
C VAL C 111 10.28 25.45 10.26
N LEU C 112 10.37 24.78 9.11
CA LEU C 112 11.65 24.62 8.45
C LEU C 112 11.97 25.63 7.37
N ARG C 113 11.08 26.56 7.07
CA ARG C 113 11.34 27.51 6.00
C ARG C 113 12.58 28.34 6.31
N GLY C 114 13.54 28.31 5.40
CA GLY C 114 14.76 29.07 5.56
C GLY C 114 15.81 28.43 6.44
N ARG C 115 15.60 27.16 6.91
CA ARG C 115 16.54 26.42 7.77
C ARG C 115 17.42 25.52 6.94
N LYS C 116 18.44 24.98 7.55
CA LYS C 116 19.42 24.14 6.85
C LYS C 116 19.61 22.84 7.61
N GLY C 117 19.58 21.75 6.91
CA GLY C 117 19.66 20.43 7.55
C GLY C 117 19.65 19.30 6.56
N THR C 118 19.40 18.09 7.08
CA THR C 118 19.42 16.92 6.26
C THR C 118 18.33 15.95 6.71
N SER C 119 18.27 14.83 6.03
CA SER C 119 17.23 13.82 6.26
C SER C 119 17.63 12.57 5.49
N TYR C 120 16.79 11.57 5.54
CA TYR C 120 16.93 10.43 4.68
C TYR C 120 16.92 11.00 3.25
N PRO C 121 17.87 10.61 2.37
CA PRO C 121 17.92 11.24 1.03
C PRO C 121 16.66 11.06 0.19
N GLY C 122 15.92 9.97 0.42
CA GLY C 122 14.68 9.74 -0.30
C GLY C 122 13.65 10.84 -0.14
N ILE C 123 13.71 11.63 0.94
CA ILE C 123 12.74 12.72 1.12
C ILE C 123 13.42 14.09 0.95
N LYS C 124 14.61 14.14 0.37
CA LYS C 124 15.27 15.45 0.18
C LYS C 124 14.39 16.43 -0.57
N ASP C 125 13.67 15.98 -1.62
CA ASP C 125 12.82 16.91 -2.37
C ASP C 125 11.74 17.52 -1.52
N ASP C 126 11.23 16.74 -0.56
CA ASP C 126 10.16 17.22 0.34
C ASP C 126 10.72 18.21 1.34
N MET C 127 11.96 17.99 1.78
CA MET C 127 12.65 18.97 2.64
C MET C 127 12.90 20.28 1.89
N ILE C 128 13.37 20.17 0.61
CA ILE C 128 13.61 21.35 -0.22
C ILE C 128 12.30 22.11 -0.41
N ASN C 129 11.20 21.39 -0.73
CA ASN C 129 9.90 22.06 -0.96
C ASN C 129 9.31 22.69 0.28
N ALA C 130 9.77 22.27 1.47
CA ALA C 130 9.38 22.89 2.75
C ALA C 130 10.24 24.11 3.07
N GLY C 131 11.25 24.39 2.26
CA GLY C 131 12.12 25.55 2.43
C GLY C 131 13.43 25.26 3.16
N VAL C 132 13.91 24.00 3.10
CA VAL C 132 15.18 23.62 3.72
C VAL C 132 16.29 23.66 2.69
N GLU C 133 17.45 24.22 3.06
CA GLU C 133 18.68 24.06 2.27
C GLU C 133 19.21 22.70 2.71
N TRP C 134 19.05 21.73 1.84
CA TRP C 134 19.36 20.34 2.15
C TRP C 134 20.81 20.04 1.90
N VAL C 135 21.47 19.45 2.91
CA VAL C 135 22.90 19.17 2.88
C VAL C 135 23.11 17.67 2.96
N ASP C 136 23.99 17.12 2.12
CA ASP C 136 24.27 15.70 2.18
C ASP C 136 25.47 15.50 3.11
N ALA C 137 25.18 15.48 4.42
CA ALA C 137 26.21 15.30 5.44
C ALA C 137 25.69 14.42 6.57
N GLU C 138 26.63 13.73 7.26
CA GLU C 138 26.25 12.83 8.36
C GLU C 138 25.57 13.55 9.52
N VAL C 139 25.93 14.81 9.74
CA VAL C 139 25.24 15.64 10.72
C VAL C 139 25.32 17.08 10.29
N VAL C 140 24.24 17.82 10.52
CA VAL C 140 24.15 19.23 10.27
C VAL C 140 23.66 19.87 11.56
N VAL C 141 24.26 20.99 11.92
CA VAL C 141 23.88 21.74 13.12
C VAL C 141 23.45 23.12 12.64
N ASP C 142 22.18 23.45 12.80
CA ASP C 142 21.65 24.75 12.40
C ASP C 142 20.97 25.33 13.61
N GLY C 143 21.75 26.02 14.45
CA GLY C 143 21.26 26.56 15.70
C GLY C 143 20.80 25.44 16.62
N ASN C 144 19.51 25.42 16.92
CA ASN C 144 18.95 24.37 17.79
C ASN C 144 18.64 23.06 17.09
N TRP C 145 18.73 23.02 15.74
CA TRP C 145 18.34 21.84 14.99
C TRP C 145 19.52 21.01 14.56
N VAL C 146 19.62 19.81 15.09
CA VAL C 146 20.67 18.84 14.78
C VAL C 146 20.07 17.74 13.97
N SER C 147 20.49 17.59 12.70
CA SER C 147 19.87 16.65 11.81
C SER C 147 20.87 15.68 11.20
N SER C 148 20.45 14.43 11.02
CA SER C 148 21.24 13.38 10.39
C SER C 148 20.36 12.56 9.40
N ARG C 149 20.98 11.68 8.64
CA ARG C 149 20.33 11.01 7.52
C ARG C 149 19.88 9.59 7.77
N VAL C 150 20.81 8.74 8.23
CA VAL C 150 20.62 7.29 8.28
C VAL C 150 21.29 6.70 9.51
N PRO C 151 21.00 5.43 9.85
CA PRO C 151 21.64 4.83 11.02
C PRO C 151 23.16 4.89 11.06
N ALA C 152 23.84 4.86 9.90
CA ALA C 152 25.30 4.98 9.89
C ALA C 152 25.81 6.30 10.51
N ASP C 153 24.92 7.31 10.61
CA ASP C 153 25.25 8.62 11.12
C ASP C 153 25.06 8.77 12.62
N LEU C 154 24.53 7.74 13.32
CA LEU C 154 24.23 7.87 14.74
C LEU C 154 25.33 8.49 15.57
N TYR C 155 26.57 8.01 15.42
CA TYR C 155 27.66 8.51 16.24
C TYR C 155 27.80 10.03 16.16
N ALA C 156 27.70 10.57 14.95
CA ALA C 156 27.89 12.01 14.73
C ALA C 156 26.66 12.80 15.15
N TRP C 157 25.48 12.21 14.96
CA TRP C 157 24.20 12.82 15.32
C TRP C 157 24.18 13.17 16.81
N MET C 158 24.41 12.16 17.68
CA MET C 158 24.40 12.43 19.11
C MET C 158 25.65 13.09 19.61
N ARG C 159 26.81 12.92 18.94
CA ARG C 159 27.97 13.70 19.34
C ARG C 159 27.62 15.20 19.36
N GLU C 160 26.95 15.67 18.29
CA GLU C 160 26.56 17.07 18.20
C GLU C 160 25.41 17.40 19.10
N PHE C 161 24.41 16.51 19.22
CA PHE C 161 23.25 16.84 20.04
C PHE C 161 23.61 16.93 21.52
N VAL C 162 24.45 16.02 22.02
CA VAL C 162 24.89 16.06 23.43
C VAL C 162 25.50 17.41 23.77
N LYS C 163 26.25 18.01 22.84
CA LYS C 163 26.85 19.33 23.06
C LYS C 163 25.82 20.42 23.32
N LEU C 164 24.65 20.39 22.64
CA LEU C 164 23.59 21.40 22.82
C LEU C 164 22.94 21.32 24.15
N LEU C 165 22.91 20.15 24.74
CA LEU C 165 22.23 19.98 26.01
C LEU C 165 23.11 20.29 27.20
N LYS C 166 24.44 20.42 26.98
CA LYS C 166 25.38 20.71 28.07
C LYS C 166 25.31 22.18 28.45
C21 7MT D . -11.80 -17.76 10.03
C10 7MT D . -11.31 -23.92 10.32
C11 7MT D . -11.61 -18.44 12.68
C01 7MT D . -13.14 -21.58 12.62
C03 7MT D . -12.91 -20.89 13.99
C04 7MT D . -12.20 -23.78 13.21
C05 7MT D . -10.83 -24.08 13.85
C07 7MT D . -10.63 -22.34 15.53
C08 7MT D . -10.99 -20.85 15.53
C13 7MT D . -11.32 -24.96 9.40
C14 7MT D . -10.15 -25.58 9.03
C15 7MT D . -8.96 -25.17 9.58
C16 7MT D . -9.00 -24.14 10.52
C18 7MT D . -7.89 -23.47 11.26
C19 7MT D . -12.27 -17.28 12.31
C20 7MT D . -12.36 -16.95 10.97
C22 7MT D . -11.15 -18.92 10.45
C24 7MT D . -10.50 -19.86 9.47
C29 7MT D . -11.43 -18.90 14.15
C30 7MT D . -12.50 -23.12 10.87
N02 7MT D . -12.15 -22.65 12.26
N06 7MT D . -10.12 -22.87 14.26
N09 7MT D . -11.51 -20.39 14.22
N17 7MT D . -10.15 -23.54 10.83
N23 7MT D . -11.06 -19.24 11.75
O25 7MT D . -10.43 -19.51 8.29
O26 7MT D . -10.07 -20.95 9.86
O27 7MT D . -6.70 -23.88 11.10
O28 7MT D . -8.32 -22.46 11.94
TB 7MT D . -9.86 -21.36 12.21
H211 7MT D . -11.88 -17.52 8.98
H012 7MT D . -13.14 -20.81 11.85
H011 7MT D . -14.12 -22.04 12.63
H031 7MT D . -13.21 -21.58 14.79
H032 7MT D . -13.61 -20.06 14.02
H042 7MT D . -12.92 -23.60 14.01
H041 7MT D . -12.53 -24.68 12.71
H051 7MT D . -10.21 -24.64 13.14
H052 7MT D . -10.98 -24.72 14.71
H072 7MT D . -11.54 -22.89 15.83
H071 7MT D . -9.88 -22.50 16.30
H081 7MT D . -10.09 -20.30 15.80
H082 7MT D . -11.74 -20.67 16.28
H131 7MT D . -12.25 -25.27 8.96
H141 7MT D . -10.16 -26.38 8.30
H151 7MT D . -8.02 -25.63 9.31
H191 7MT D . -12.71 -16.65 13.05
H201 7MT D . -12.91 -16.08 10.65
H292 7MT D . -12.20 -18.46 14.77
H291 7MT D . -10.46 -18.57 14.48
H302 7MT D . -13.41 -23.73 10.89
H301 7MT D . -12.67 -22.27 10.21
H061 7MT D . -10.15 -22.15 13.53
S SO4 E . -7.79 -19.34 12.89
O1 SO4 E . -8.26 -19.72 11.52
O2 SO4 E . -8.15 -17.93 13.23
O3 SO4 E . -6.32 -19.47 12.96
O4 SO4 E . -8.45 -20.26 13.85
S SO4 F . -1.14 -20.39 -21.09
O1 SO4 F . -2.02 -19.30 -20.69
O2 SO4 F . -1.80 -21.69 -20.93
O3 SO4 F . -0.71 -20.22 -22.48
O4 SO4 F . 0.05 -20.33 -20.23
TB TB G . -17.49 -44.08 -8.98
C21 7MT H . 15.40 -3.49 -7.81
C10 7MT H . 17.98 1.16 -4.85
C11 7MT H . 18.05 -4.14 -7.42
C01 7MT H . 19.57 -0.92 -7.53
C03 7MT H . 20.44 -2.20 -7.60
C04 7MT H . 20.72 0.25 -5.69
C05 7MT H . 21.13 -0.33 -4.32
C07 7MT H . 21.99 -2.51 -4.93
C08 7MT H . 21.46 -3.63 -5.85
C13 7MT H . 17.54 2.41 -4.42
C14 7MT H . 17.20 2.60 -3.11
C15 7MT H . 17.33 1.57 -2.20
C16 7MT H . 17.80 0.36 -2.70
C18 7MT H . 18.02 -0.92 -1.92
C19 7MT H . 17.32 -4.72 -8.47
C20 7MT H . 16.01 -4.38 -8.66
C22 7MT H . 16.18 -2.93 -6.79
C24 7MT H . 15.58 -1.97 -5.79
C29 7MT H . 19.52 -4.44 -7.09
C30 7MT H . 18.41 0.77 -6.28
N02 7MT H . 19.43 -0.30 -6.16
N06 7MT H . 20.92 -1.80 -4.23
N09 7MT H . 20.19 -3.23 -6.53
N17 7MT H . 18.08 0.17 -3.98
N23 7MT H . 17.47 -3.24 -6.61
O25 7MT H . 14.38 -1.80 -5.81
O26 7MT H . 16.27 -1.49 -4.86
O27 7MT H . 17.77 -0.88 -0.68
O28 7MT H . 18.46 -1.89 -2.63
TB 7MT H . 18.42 -2.23 -4.57
H211 7MT H . 14.37 -3.21 -7.95
H012 7MT H . 18.59 -1.17 -7.92
H011 7MT H . 20.02 -0.18 -8.18
H031 7MT H . 21.48 -1.91 -7.61
H032 7MT H . 20.22 -2.64 -8.57
H042 7MT H . 21.53 0.03 -6.40
H041 7MT H . 20.68 1.34 -5.60
H051 7MT H . 20.57 0.17 -3.54
H052 7MT H . 22.18 -0.11 -4.16
H072 7MT H . 22.60 -1.84 -5.53
H071 7MT H . 22.64 -2.98 -4.18
H081 7MT H . 21.31 -4.52 -5.25
H082 7MT H . 22.21 -3.85 -6.60
H131 7MT H . 17.44 3.20 -5.14
H141 7MT H . 16.84 3.57 -2.78
H151 7MT H . 17.08 1.70 -1.17
H191 7MT H . 17.81 -5.42 -9.13
H201 7MT H . 15.44 -4.78 -9.49
H292 7MT H . 20.05 -4.79 -7.98
H291 7MT H . 19.52 -5.24 -6.36
H302 7MT H . 18.81 1.63 -6.82
H301 7MT H . 17.53 0.38 -6.79
H061 7MT H . 19.98 -2.06 -4.58
S SO4 I . -13.66 8.25 2.24
O1 SO4 I . -12.78 9.42 2.31
O2 SO4 I . -15.05 8.70 2.42
O3 SO4 I . -13.53 7.59 0.93
O4 SO4 I . -13.31 7.30 3.29
S SO4 J . 9.32 -2.13 -25.72
O1 SO4 J . 9.27 -2.83 -24.44
O2 SO4 J . 8.23 -1.16 -25.84
O3 SO4 J . 9.20 -3.11 -26.82
O4 SO4 J . 10.61 -1.43 -25.83
S SO4 K . 17.78 -4.93 -3.49
O1 SO4 K . 16.80 -3.88 -3.86
O2 SO4 K . 17.67 -5.25 -2.04
O3 SO4 K . 19.13 -4.42 -3.83
O4 SO4 K . 17.49 -6.18 -4.22
C21 7MT L . 0.63 3.42 18.57
C10 7MT L . -2.15 5.90 13.67
C11 7MT L . -1.98 2.46 18.45
C01 7MT L . -3.59 5.23 17.06
C03 7MT L . -4.43 4.09 17.70
C04 7MT L . -4.89 5.39 14.94
C05 7MT L . -5.26 4.23 14.01
C07 7MT L . -5.98 2.45 15.54
C08 7MT L . -5.35 1.95 16.85
C13 7MT L . -1.85 6.67 12.56
C14 7MT L . -1.50 6.07 11.37
C15 7MT L . -1.53 4.69 11.27
C16 7MT L . -1.88 3.99 12.42
C18 7MT L . -1.99 2.50 12.64
C19 7MT L . -1.28 2.53 19.67
C20 7MT L . 0.01 3.00 19.71
C22 7MT L . -0.11 3.34 17.38
C24 7MT L . 0.47 3.73 16.07
C29 7MT L . -3.41 1.94 18.31
C30 7MT L . -2.60 6.32 15.09
N02 7MT L . -3.56 5.25 15.56
N06 7MT L . -4.98 2.89 14.56
N09 7MT L . -4.12 2.68 17.24
N17 7MT L . -2.16 4.60 13.55
N23 7MT L . -1.40 2.88 17.32
O25 7MT L . 1.67 3.96 15.99
O26 7MT L . -0.27 3.72 15.07
O27 7MT L . -1.69 1.76 11.65
O28 7MT L . -2.40 2.17 13.83
TB 7MT L . -2.30 2.68 15.21
H211 7MT L . 1.63 3.80 18.58
H012 7MT L . -2.58 5.17 17.45
H011 7MT L . -4.03 6.17 17.38
H031 7MT L . -5.49 4.30 17.55
H032 7MT L . -4.26 4.16 18.76
H042 7MT L . -5.66 5.50 15.70
H041 7MT L . -4.91 6.30 14.34
H051 7MT L . -4.72 4.33 13.07
H052 7MT L . -6.33 4.30 13.79
H072 7MT L . -6.66 3.28 15.79
H071 7MT L . -6.56 1.64 15.10
H081 7MT L . -5.13 0.89 16.72
H082 7MT L . -6.08 2.04 17.65
H131 7MT L . -1.81 7.74 12.64
H141 7MT L . -1.23 6.66 10.52
H151 7MT L . -1.25 4.20 10.35
H191 7MT L . -1.76 2.21 20.58
H201 7MT L . 0.54 3.09 20.65
H292 7MT L . -3.95 2.04 19.26
H291 7MT L . -3.36 0.88 18.06
H302 7MT L . -3.07 7.30 15.09
H301 7MT L . -1.72 6.32 15.72
H061 7MT L . -4.04 2.88 14.99
S SO4 M . 29.21 10.59 3.52
O1 SO4 M . 29.06 10.69 4.98
O2 SO4 M . 28.23 11.43 2.83
O3 SO4 M . 29.02 9.22 3.09
O4 SO4 M . 30.55 11.02 3.15
S SO4 N . 3.52 0.05 7.30
O1 SO4 N . 3.83 1.17 8.19
O2 SO4 N . 2.08 0.06 6.99
O3 SO4 N . 3.87 -1.20 7.97
O4 SO4 N . 4.27 0.16 6.05
S SO4 O . -1.43 -0.20 15.66
O1 SO4 O . -0.49 0.95 15.29
O2 SO4 O . -2.80 0.39 15.62
O3 SO4 O . -1.30 -1.31 14.69
O4 SO4 O . -1.16 -0.76 17.00
O1 2HA P . 15.31 27.39 1.10
O2 2HA P . 16.77 27.05 -1.26
O3 2HA P . 17.45 24.42 -1.93
C1 2HA P . 15.02 26.38 0.15
C2 2HA P . 16.34 25.96 -0.48
C3 2HA P . 16.21 24.75 -1.38
H1 2HA P . 14.50 27.62 1.61
H3 2HA P . 17.30 23.87 -2.72
H1C1 2HA P . 14.35 26.76 -0.60
H1C2 2HA P . 14.58 25.50 0.63
H3C1 2HA P . 15.84 23.92 -0.79
H3C2 2HA P . 15.50 24.98 -2.19
H031 2HA P . 17.10 25.79 0.28
H041 2HA P . 16.97 26.70 -2.15
#